data_7QJS
#
_entry.id   7QJS
#
_cell.length_a   36.164
_cell.length_b   150.212
_cell.length_c   43.396
_cell.angle_alpha   90.000
_cell.angle_beta   92.509
_cell.angle_gamma   90.000
#
_symmetry.space_group_name_H-M   'P 1 21 1'
#
loop_
_entity.id
_entity.type
_entity.pdbx_description
1 polymer 'Cutinase 2'
2 non-polymer GLYCEROL
3 non-polymer 'TETRAETHYLENE GLYCOL'
4 non-polymer DI(HYDROXYETHYL)ETHER
5 water water
#
_entity_poly.entity_id   1
_entity_poly.type   'polypeptide(L)'
_entity_poly.pdbx_seq_one_letter_code
;MANPYERGPNPTDALLEARSGPFSVSEERASRFGADGFGGGTIYYPRENNTYGAVAISPGYTGTQASVAWLGERIASHGF
VVITIDTNTTLDQPDSRARQLNAALDYMINDASSAVRSRIDSSRLAVMGHSMGGGGTLRLASQRPDLKAAIPLTPWHLNK
NWSSVRVPTLIIGADLDTIAPVLTHARPFYNSLPTSISKAYLELDGATHFAPNIPNKIIGKYSVAWLKRFVDNDTRYTQF
LCPGPRDGLFGEVEEYRSTCPFLEHHHHHH
;
_entity_poly.pdbx_strand_id   A,B
#
loop_
_chem_comp.id
_chem_comp.type
_chem_comp.name
_chem_comp.formula
GOL non-polymer GLYCEROL 'C3 H8 O3'
PEG non-polymer DI(HYDROXYETHYL)ETHER 'C4 H10 O3'
PG4 non-polymer 'TETRAETHYLENE GLYCOL' 'C8 H18 O5'
#
# COMPACT_ATOMS: atom_id res chain seq x y z
N ALA A 2 13.71 6.99 7.26
CA ALA A 2 12.37 6.70 7.81
C ALA A 2 11.48 7.93 7.59
N ASN A 3 10.17 7.78 7.73
CA ASN A 3 9.26 8.94 7.61
C ASN A 3 8.98 9.46 9.02
N PRO A 4 9.48 10.67 9.40
CA PRO A 4 9.31 11.18 10.75
C PRO A 4 7.83 11.43 11.12
N TYR A 5 6.98 11.57 10.10
CA TYR A 5 5.56 11.97 10.30
C TYR A 5 4.64 10.77 10.52
N GLU A 6 5.14 9.56 10.47
CA GLU A 6 4.24 8.40 10.66
C GLU A 6 3.71 8.37 12.07
N ARG A 7 2.42 8.06 12.22
CA ARG A 7 1.79 7.94 13.53
C ARG A 7 0.96 6.69 13.51
N GLY A 8 0.94 6.02 14.65
CA GLY A 8 0.00 4.92 14.87
C GLY A 8 0.57 3.67 14.23
N PRO A 9 -0.18 2.57 14.35
CA PRO A 9 0.26 1.28 13.88
C PRO A 9 0.10 1.17 12.36
N ASN A 10 0.70 0.15 11.79
CA ASN A 10 0.49 -0.13 10.36
C ASN A 10 -1.00 -0.30 10.14
N PRO A 11 -1.60 0.41 9.18
CA PRO A 11 -3.04 0.38 9.06
C PRO A 11 -3.53 -0.97 8.56
N THR A 12 -4.76 -1.29 8.98
CA THR A 12 -5.63 -2.36 8.48
C THR A 12 -6.99 -1.78 8.16
N ASP A 13 -7.78 -2.52 7.38
CA ASP A 13 -9.18 -2.14 7.09
C ASP A 13 -9.90 -1.95 8.43
N ALA A 14 -9.67 -2.82 9.39
CA ALA A 14 -10.33 -2.76 10.70
C ALA A 14 -9.97 -1.44 11.41
N LEU A 15 -8.68 -1.08 11.45
CA LEU A 15 -8.25 0.18 12.12
C LEU A 15 -8.98 1.36 11.44
N LEU A 16 -9.08 1.37 10.11
CA LEU A 16 -9.61 2.53 9.35
C LEU A 16 -11.13 2.59 9.47
N GLU A 17 -11.81 1.44 9.64
CA GLU A 17 -13.28 1.35 9.65
C GLU A 17 -13.86 1.57 11.05
N ALA A 18 -13.03 1.60 12.08
CA ALA A 18 -13.54 1.66 13.46
C ALA A 18 -14.09 3.06 13.73
N ARG A 19 -14.88 3.15 14.80
CA ARG A 19 -15.50 4.40 15.25
C ARG A 19 -14.40 5.41 15.60
N SER A 20 -13.31 4.94 16.17
CA SER A 20 -12.17 5.79 16.59
CA SER A 20 -12.18 5.79 16.58
C SER A 20 -10.86 5.16 16.13
N GLY A 21 -9.88 5.99 15.82
CA GLY A 21 -8.48 5.58 15.65
C GLY A 21 -7.81 5.40 17.00
N PRO A 22 -6.49 5.21 16.98
CA PRO A 22 -5.72 4.82 18.14
C PRO A 22 -5.54 5.95 19.17
N PHE A 23 -5.81 7.19 18.79
CA PHE A 23 -5.45 8.35 19.63
C PHE A 23 -6.68 8.87 20.35
N SER A 24 -6.74 8.81 21.66
CA SER A 24 -7.79 9.53 22.41
C SER A 24 -7.64 11.03 22.11
N VAL A 25 -8.76 11.69 22.05
CA VAL A 25 -8.91 13.10 21.61
C VAL A 25 -9.50 13.93 22.74
N SER A 26 -8.99 15.16 22.85
CA SER A 26 -9.59 16.23 23.66
C SER A 26 -10.10 17.31 22.73
N GLU A 27 -10.92 18.19 23.28
CA GLU A 27 -11.56 19.26 22.51
C GLU A 27 -11.15 20.60 23.10
N GLU A 28 -10.94 21.60 22.25
CA GLU A 28 -10.86 23.01 22.66
C GLU A 28 -11.84 23.82 21.84
N ARG A 29 -12.53 24.72 22.49
CA ARG A 29 -13.41 25.70 21.80
C ARG A 29 -12.54 26.74 21.12
N ALA A 30 -12.91 27.07 19.90
CA ALA A 30 -12.54 28.33 19.24
C ALA A 30 -13.80 29.17 19.28
N SER A 31 -13.90 30.09 20.25
CA SER A 31 -15.17 30.80 20.47
C SER A 31 -15.35 31.79 19.35
N ARG A 32 -16.57 32.23 19.15
CA ARG A 32 -16.86 33.33 18.19
C ARG A 32 -16.12 34.61 18.63
N PHE A 33 -15.66 34.76 19.88
CA PHE A 33 -14.92 35.98 20.33
C PHE A 33 -13.47 35.98 19.83
N GLY A 34 -12.82 34.82 19.88
CA GLY A 34 -11.40 34.65 19.55
C GLY A 34 -11.22 34.42 18.08
N ALA A 35 -12.23 33.85 17.42
CA ALA A 35 -12.15 33.46 16.01
C ALA A 35 -12.26 34.70 15.14
N ASP A 36 -11.15 35.17 14.56
CA ASP A 36 -11.17 36.24 13.55
C ASP A 36 -11.26 35.56 12.19
N GLY A 37 -12.29 35.92 11.44
CA GLY A 37 -12.43 35.58 10.02
C GLY A 37 -13.24 34.31 9.83
N PHE A 38 -13.73 33.69 10.90
CA PHE A 38 -14.72 32.58 10.81
C PHE A 38 -15.61 32.60 12.05
N GLY A 39 -16.59 31.72 12.12
CA GLY A 39 -17.61 31.74 13.19
C GLY A 39 -17.25 30.95 14.44
N GLY A 40 -16.01 30.52 14.59
CA GLY A 40 -15.58 29.68 15.72
C GLY A 40 -15.63 28.20 15.34
N GLY A 41 -15.46 27.33 16.32
CA GLY A 41 -15.50 25.91 15.99
C GLY A 41 -14.97 25.13 17.15
N THR A 42 -14.78 23.86 16.94
CA THR A 42 -14.24 22.89 17.90
C THR A 42 -12.94 22.33 17.35
N ILE A 43 -11.91 22.36 18.18
CA ILE A 43 -10.60 21.78 17.89
C ILE A 43 -10.57 20.43 18.58
N TYR A 44 -10.46 19.38 17.79
CA TYR A 44 -10.17 18.03 18.29
C TYR A 44 -8.67 17.77 18.11
N TYR A 45 -8.01 17.31 19.18
CA TYR A 45 -6.56 17.11 19.13
C TYR A 45 -6.22 15.85 19.90
N PRO A 46 -5.23 15.07 19.41
CA PRO A 46 -4.74 13.93 20.16
C PRO A 46 -4.16 14.36 21.51
N ARG A 47 -4.55 13.64 22.55
CA ARG A 47 -3.92 13.77 23.89
C ARG A 47 -2.45 13.43 23.86
N GLU A 48 -2.04 12.44 23.07
CA GLU A 48 -0.64 11.97 23.02
C GLU A 48 0.22 13.14 22.60
N ASN A 49 1.28 13.43 23.33
CA ASN A 49 2.12 14.63 23.05
C ASN A 49 3.06 14.24 21.90
N ASN A 50 2.74 14.72 20.72
CA ASN A 50 3.48 14.53 19.46
C ASN A 50 2.99 15.69 18.63
N THR A 51 3.57 15.87 17.46
CA THR A 51 3.14 16.87 16.48
C THR A 51 2.42 16.10 15.39
N TYR A 52 1.46 16.79 14.81
CA TYR A 52 0.57 16.20 13.82
C TYR A 52 0.24 17.25 12.80
N GLY A 53 -0.28 16.78 11.68
CA GLY A 53 -0.88 17.67 10.66
C GLY A 53 -2.13 18.32 11.22
N ALA A 54 -2.54 19.46 10.69
CA ALA A 54 -3.79 20.15 11.09
C ALA A 54 -4.74 20.26 9.91
N VAL A 55 -6.00 20.01 10.18
CA VAL A 55 -7.08 19.98 9.18
C VAL A 55 -8.16 20.95 9.61
N ALA A 56 -8.70 21.76 8.69
CA ALA A 56 -9.92 22.57 8.92
C ALA A 56 -11.08 21.99 8.06
N ILE A 57 -12.26 21.85 8.66
CA ILE A 57 -13.44 21.30 7.98
C ILE A 57 -14.60 22.28 8.07
N SER A 58 -15.13 22.63 6.92
CA SER A 58 -16.29 23.52 6.76
C SER A 58 -17.56 22.70 6.47
N PRO A 59 -18.68 23.08 7.14
CA PRO A 59 -20.01 22.61 6.74
C PRO A 59 -20.51 23.33 5.48
N GLY A 60 -21.67 22.94 5.02
CA GLY A 60 -22.38 23.53 3.85
C GLY A 60 -23.36 24.61 4.24
N TYR A 61 -24.07 25.07 3.22
CA TYR A 61 -25.13 26.09 3.32
C TYR A 61 -26.18 25.64 4.35
N THR A 62 -26.43 26.51 5.32
CA THR A 62 -27.37 26.31 6.44
C THR A 62 -26.76 25.36 7.49
N GLY A 63 -25.51 24.93 7.29
CA GLY A 63 -24.91 23.89 8.13
C GLY A 63 -24.16 24.51 9.27
N THR A 64 -23.94 23.74 10.32
CA THR A 64 -23.05 24.15 11.44
C THR A 64 -22.00 23.05 11.62
N GLN A 65 -21.07 23.28 12.53
CA GLN A 65 -20.01 22.29 12.83
C GLN A 65 -20.65 20.95 13.20
N ALA A 66 -21.85 20.89 13.77
CA ALA A 66 -22.48 19.60 14.19
C ALA A 66 -22.66 18.65 12.99
N SER A 67 -22.81 19.18 11.80
CA SER A 67 -23.04 18.36 10.59
C SER A 67 -21.75 17.64 10.15
N VAL A 68 -20.56 18.06 10.62
CA VAL A 68 -19.25 17.44 10.25
C VAL A 68 -18.48 16.97 11.50
N ALA A 69 -19.06 17.11 12.67
CA ALA A 69 -18.34 16.87 13.94
C ALA A 69 -17.88 15.41 14.00
N TRP A 70 -18.73 14.45 13.65
CA TRP A 70 -18.38 13.02 13.73
C TRP A 70 -17.06 12.83 12.98
N LEU A 71 -16.94 13.48 11.83
CA LEU A 71 -15.78 13.25 10.93
C LEU A 71 -14.54 13.98 11.45
N GLY A 72 -14.66 15.19 12.00
CA GLY A 72 -13.52 15.91 12.62
C GLY A 72 -12.97 15.09 13.77
N GLU A 73 -13.86 14.55 14.60
CA GLU A 73 -13.44 13.81 15.82
C GLU A 73 -12.78 12.49 15.38
N ARG A 74 -13.33 11.83 14.38
CA ARG A 74 -12.82 10.54 13.95
C ARG A 74 -11.44 10.74 13.34
N ILE A 75 -11.31 11.73 12.46
CA ILE A 75 -10.00 12.05 11.85
C ILE A 75 -8.97 12.39 12.94
N ALA A 76 -9.36 13.21 13.91
CA ALA A 76 -8.38 13.58 14.97
C ALA A 76 -7.89 12.33 15.68
N SER A 77 -8.81 11.36 15.88
CA SER A 77 -8.52 10.13 16.65
C SER A 77 -7.51 9.26 15.91
N HIS A 78 -7.18 9.57 14.65
CA HIS A 78 -6.12 8.86 13.90
C HIS A 78 -4.83 9.69 13.90
N GLY A 79 -4.78 10.82 14.64
CA GLY A 79 -3.51 11.55 14.76
C GLY A 79 -3.44 12.77 13.89
N PHE A 80 -4.44 13.66 14.09
CA PHE A 80 -4.56 14.96 13.40
C PHE A 80 -5.15 15.94 14.39
N VAL A 81 -4.75 17.20 14.25
CA VAL A 81 -5.42 18.31 14.94
C VAL A 81 -6.48 18.85 13.98
N VAL A 82 -7.74 18.84 14.40
CA VAL A 82 -8.83 19.08 13.45
C VAL A 82 -9.74 20.14 14.03
N ILE A 83 -10.06 21.13 13.22
CA ILE A 83 -11.04 22.14 13.65
C ILE A 83 -12.26 21.98 12.77
N THR A 84 -13.43 21.81 13.38
CA THR A 84 -14.70 21.82 12.65
C THR A 84 -15.26 23.22 12.84
N ILE A 85 -15.53 23.95 11.79
CA ILE A 85 -15.88 25.39 11.96
C ILE A 85 -17.37 25.60 11.81
N ASP A 86 -17.83 26.64 12.48
CA ASP A 86 -19.02 27.41 12.07
C ASP A 86 -18.54 28.55 11.21
N THR A 87 -19.29 28.86 10.18
CA THR A 87 -19.01 29.99 9.31
C THR A 87 -19.60 31.27 9.92
N ASN A 88 -19.10 32.40 9.46
CA ASN A 88 -19.60 33.75 9.86
C ASN A 88 -21.13 33.76 9.88
N THR A 89 -21.75 33.29 8.79
CA THR A 89 -23.20 33.05 8.70
C THR A 89 -23.45 31.69 8.03
N THR A 90 -24.58 31.03 8.31
CA THR A 90 -24.92 29.73 7.66
C THR A 90 -25.11 29.90 6.16
N LEU A 91 -25.31 31.14 5.66
CA LEU A 91 -25.60 31.37 4.24
C LEU A 91 -24.34 31.71 3.45
N ASP A 92 -23.15 31.63 4.06
CA ASP A 92 -21.91 32.08 3.37
C ASP A 92 -21.68 31.22 2.10
N GLN A 93 -21.12 31.86 1.08
CA GLN A 93 -20.92 31.26 -0.26
C GLN A 93 -19.62 30.47 -0.26
N PRO A 94 -19.43 29.54 -1.22
CA PRO A 94 -18.22 28.70 -1.23
C PRO A 94 -16.92 29.53 -1.15
N ASP A 95 -16.81 30.65 -1.86
CA ASP A 95 -15.50 31.39 -1.85
C ASP A 95 -15.27 32.07 -0.50
N SER A 96 -16.33 32.44 0.20
CA SER A 96 -16.26 32.94 1.58
C SER A 96 -15.85 31.78 2.49
N ARG A 97 -16.39 30.58 2.27
CA ARG A 97 -16.00 29.42 3.11
C ARG A 97 -14.49 29.18 2.93
N ALA A 98 -13.92 29.37 1.75
CA ALA A 98 -12.46 29.20 1.50
C ALA A 98 -11.65 30.15 2.40
N ARG A 99 -12.06 31.41 2.49
CA ARG A 99 -11.35 32.40 3.36
C ARG A 99 -11.51 31.98 4.83
N GLN A 100 -12.64 31.38 5.19
CA GLN A 100 -12.92 30.99 6.60
C GLN A 100 -12.08 29.76 6.94
N LEU A 101 -11.97 28.85 5.99
CA LEU A 101 -11.09 27.67 6.20
C LEU A 101 -9.67 28.18 6.45
N ASN A 102 -9.21 29.16 5.65
CA ASN A 102 -7.85 29.73 5.75
C ASN A 102 -7.70 30.38 7.14
N ALA A 103 -8.70 31.14 7.56
CA ALA A 103 -8.73 31.77 8.92
C ALA A 103 -8.66 30.70 9.99
N ALA A 104 -9.34 29.55 9.82
CA ALA A 104 -9.36 28.50 10.85
C ALA A 104 -7.99 27.83 10.97
N LEU A 105 -7.28 27.62 9.85
CA LEU A 105 -5.90 27.10 9.89
C LEU A 105 -5.02 28.10 10.65
N ASP A 106 -5.15 29.38 10.34
CA ASP A 106 -4.36 30.45 11.02
C ASP A 106 -4.67 30.39 12.52
N TYR A 107 -5.96 30.23 12.87
CA TYR A 107 -6.42 30.21 14.28
C TYR A 107 -5.69 29.07 14.99
N MET A 108 -5.75 27.87 14.43
CA MET A 108 -5.17 26.71 15.15
C MET A 108 -3.70 26.92 15.34
N ILE A 109 -3.00 27.42 14.31
CA ILE A 109 -1.51 27.61 14.36
C ILE A 109 -1.14 28.71 15.35
N ASN A 110 -1.88 29.83 15.37
CA ASN A 110 -1.40 31.08 16.02
C ASN A 110 -2.17 31.36 17.33
N ASP A 111 -3.47 31.05 17.37
CA ASP A 111 -4.38 31.62 18.39
C ASP A 111 -4.92 30.56 19.34
N ALA A 112 -4.88 29.27 19.02
CA ALA A 112 -5.40 28.26 19.97
C ALA A 112 -4.45 28.20 21.18
N SER A 113 -4.78 27.41 22.19
CA SER A 113 -3.92 27.28 23.39
C SER A 113 -2.62 26.56 23.03
N SER A 114 -1.69 26.51 23.98
CA SER A 114 -0.42 25.77 23.84
CA SER A 114 -0.42 25.76 23.86
C SER A 114 -0.66 24.26 23.66
N ALA A 115 -1.70 23.68 24.25
CA ALA A 115 -1.98 22.21 24.12
C ALA A 115 -2.17 21.91 22.63
N VAL A 116 -2.83 22.83 21.96
CA VAL A 116 -3.19 22.70 20.53
C VAL A 116 -2.00 23.12 19.69
N ARG A 117 -1.46 24.33 19.89
CA ARG A 117 -0.34 24.86 19.03
C ARG A 117 0.90 23.94 19.08
N SER A 118 1.24 23.38 20.22
CA SER A 118 2.41 22.51 20.40
C SER A 118 2.19 21.14 19.70
N ARG A 119 0.94 20.74 19.43
CA ARG A 119 0.64 19.47 18.74
C ARG A 119 0.53 19.64 17.21
N ILE A 120 0.69 20.86 16.68
CA ILE A 120 0.54 21.13 15.23
C ILE A 120 1.92 21.29 14.60
N ASP A 121 2.13 20.54 13.56
CA ASP A 121 3.22 20.81 12.60
C ASP A 121 2.60 21.76 11.60
N SER A 122 2.96 23.05 11.69
CA SER A 122 2.28 24.09 10.89
C SER A 122 2.66 23.97 9.42
N SER A 123 3.66 23.17 9.04
CA SER A 123 4.02 22.97 7.61
C SER A 123 3.11 21.90 6.97
N ARG A 124 2.19 21.29 7.71
CA ARG A 124 1.45 20.10 7.22
C ARG A 124 -0.05 20.27 7.45
N LEU A 125 -0.71 20.89 6.50
CA LEU A 125 -2.10 21.40 6.67
C LEU A 125 -2.99 20.77 5.61
N ALA A 126 -4.27 20.65 5.90
CA ALA A 126 -5.27 20.17 4.93
C ALA A 126 -6.59 20.87 5.20
N VAL A 127 -7.45 20.86 4.21
CA VAL A 127 -8.84 21.37 4.34
C VAL A 127 -9.80 20.36 3.76
N MET A 128 -10.97 20.31 4.36
CA MET A 128 -12.09 19.45 3.96
C MET A 128 -13.37 20.27 4.08
N GLY A 129 -14.42 19.80 3.47
CA GLY A 129 -15.68 20.54 3.57
C GLY A 129 -16.81 19.81 2.93
N HIS A 130 -18.01 20.05 3.45
CA HIS A 130 -19.25 19.46 2.92
C HIS A 130 -19.95 20.48 2.03
N SER A 131 -20.24 20.09 0.81
CA SER A 131 -21.19 20.81 -0.07
C SER A 131 -20.59 22.17 -0.36
N MET A 132 -21.24 23.32 0.00
CA MET A 132 -20.52 24.60 -0.24
C MET A 132 -19.16 24.62 0.45
N GLY A 133 -19.04 23.92 1.58
CA GLY A 133 -17.74 23.87 2.27
C GLY A 133 -16.71 23.07 1.46
N GLY A 134 -17.18 22.14 0.68
CA GLY A 134 -16.35 21.40 -0.30
C GLY A 134 -15.99 22.28 -1.48
N GLY A 135 -16.88 23.17 -1.89
CA GLY A 135 -16.52 24.19 -2.86
C GLY A 135 -15.45 25.09 -2.29
N GLY A 136 -15.58 25.50 -1.03
CA GLY A 136 -14.56 26.34 -0.39
C GLY A 136 -13.25 25.58 -0.26
N THR A 137 -13.34 24.26 -0.08
CA THR A 137 -12.13 23.40 -0.04
C THR A 137 -11.39 23.51 -1.35
N LEU A 138 -12.14 23.44 -2.48
CA LEU A 138 -11.49 23.50 -3.80
C LEU A 138 -10.92 24.90 -4.00
N ARG A 139 -11.68 25.93 -3.61
CA ARG A 139 -11.19 27.28 -3.83
C ARG A 139 -9.90 27.48 -3.04
N LEU A 140 -9.89 27.11 -1.75
CA LEU A 140 -8.67 27.38 -0.97
C LEU A 140 -7.51 26.56 -1.58
N ALA A 141 -7.74 25.31 -1.97
CA ALA A 141 -6.69 24.48 -2.57
C ALA A 141 -6.15 25.16 -3.82
N SER A 142 -6.98 25.85 -4.59
CA SER A 142 -6.52 26.54 -5.83
C SER A 142 -5.60 27.69 -5.43
N GLN A 143 -5.82 28.25 -4.25
CA GLN A 143 -5.13 29.48 -3.83
C GLN A 143 -3.89 29.13 -2.99
N ARG A 144 -3.78 27.90 -2.48
CA ARG A 144 -2.76 27.49 -1.49
C ARG A 144 -2.09 26.18 -1.90
N PRO A 145 -1.12 26.22 -2.85
CA PRO A 145 -0.42 25.01 -3.28
C PRO A 145 0.38 24.38 -2.14
N ASP A 146 0.54 25.10 -1.03
CA ASP A 146 1.33 24.64 0.14
C ASP A 146 0.51 23.64 0.94
N LEU A 147 -0.81 23.66 0.79
CA LEU A 147 -1.67 22.67 1.52
C LEU A 147 -1.30 21.25 1.12
N LYS A 148 -1.29 20.36 2.08
CA LYS A 148 -0.85 18.98 1.79
C LYS A 148 -1.98 18.14 1.20
N ALA A 149 -3.24 18.44 1.49
CA ALA A 149 -4.38 17.62 1.04
C ALA A 149 -5.65 18.46 1.10
N ALA A 150 -6.56 18.13 0.21
CA ALA A 150 -7.91 18.73 0.19
C ALA A 150 -8.92 17.61 0.00
N ILE A 151 -10.01 17.61 0.77
CA ILE A 151 -11.09 16.59 0.62
C ILE A 151 -12.43 17.28 0.54
N PRO A 152 -12.87 17.60 -0.69
CA PRO A 152 -14.22 18.03 -0.88
C PRO A 152 -15.23 16.87 -0.79
N LEU A 153 -16.20 16.99 0.10
CA LEU A 153 -17.28 16.01 0.35
C LEU A 153 -18.59 16.50 -0.25
N THR A 154 -19.13 15.71 -1.14
CA THR A 154 -20.29 16.06 -2.00
C THR A 154 -20.23 17.55 -2.33
N PRO A 155 -19.15 18.04 -2.99
CA PRO A 155 -18.95 19.48 -3.11
C PRO A 155 -19.91 20.13 -4.08
N TRP A 156 -20.18 21.37 -3.77
CA TRP A 156 -21.06 22.29 -4.54
C TRP A 156 -20.23 23.53 -4.85
N HIS A 157 -20.15 23.86 -6.13
CA HIS A 157 -19.50 25.12 -6.54
C HIS A 157 -20.00 25.40 -7.95
N LEU A 158 -20.24 26.67 -8.23
CA LEU A 158 -20.67 27.02 -9.60
C LEU A 158 -19.45 27.13 -10.51
N ASN A 159 -18.24 27.32 -9.98
CA ASN A 159 -16.99 27.23 -10.75
C ASN A 159 -16.70 25.76 -10.99
N LYS A 160 -16.57 25.37 -12.26
CA LYS A 160 -16.41 23.93 -12.61
C LYS A 160 -14.98 23.63 -12.97
N ASN A 161 -14.17 24.67 -13.11
CA ASN A 161 -12.75 24.49 -13.56
C ASN A 161 -11.76 24.63 -12.42
N TRP A 162 -11.18 23.52 -11.99
CA TRP A 162 -10.22 23.45 -10.85
C TRP A 162 -8.84 23.07 -11.38
N SER A 163 -8.57 23.37 -12.64
CA SER A 163 -7.27 23.06 -13.29
C SER A 163 -6.09 23.72 -12.58
N SER A 164 -6.29 24.73 -11.71
CA SER A 164 -5.16 25.39 -11.00
CA SER A 164 -5.16 25.40 -10.99
C SER A 164 -4.79 24.60 -9.74
N VAL A 165 -5.57 23.63 -9.35
CA VAL A 165 -5.31 22.97 -8.04
C VAL A 165 -4.11 22.03 -8.16
N ARG A 166 -3.14 22.18 -7.26
CA ARG A 166 -1.90 21.37 -7.24
C ARG A 166 -1.88 20.56 -5.95
N VAL A 167 -2.85 20.71 -5.09
CA VAL A 167 -2.93 19.99 -3.78
C VAL A 167 -3.54 18.60 -4.06
N PRO A 168 -2.99 17.51 -3.46
CA PRO A 168 -3.61 16.20 -3.56
C PRO A 168 -5.05 16.21 -3.06
N THR A 169 -5.94 15.90 -3.96
CA THR A 169 -7.38 16.15 -3.75
C THR A 169 -8.15 14.84 -3.91
N LEU A 170 -8.93 14.47 -2.91
CA LEU A 170 -9.90 13.35 -2.91
C LEU A 170 -11.27 13.98 -2.90
N ILE A 171 -11.98 13.78 -4.00
CA ILE A 171 -13.40 14.24 -4.04
C ILE A 171 -14.26 13.04 -3.74
N ILE A 172 -15.16 13.24 -2.79
CA ILE A 172 -16.17 12.20 -2.48
C ILE A 172 -17.47 12.72 -3.05
N GLY A 173 -18.05 11.98 -3.98
CA GLY A 173 -19.40 12.27 -4.50
C GLY A 173 -20.42 11.27 -3.93
N ALA A 174 -21.67 11.59 -4.12
CA ALA A 174 -22.83 10.78 -3.69
C ALA A 174 -23.64 10.51 -4.95
N ASP A 175 -23.67 9.28 -5.42
CA ASP A 175 -24.37 8.92 -6.69
C ASP A 175 -25.77 9.54 -6.77
N LEU A 176 -26.57 9.52 -5.72
CA LEU A 176 -28.00 9.98 -5.79
C LEU A 176 -28.12 11.43 -5.34
N ASP A 177 -27.02 12.18 -5.31
CA ASP A 177 -27.05 13.58 -4.84
C ASP A 177 -27.91 14.43 -5.78
N THR A 178 -28.95 15.04 -5.23
CA THR A 178 -29.88 15.89 -6.01
C THR A 178 -29.59 17.34 -5.70
N ILE A 179 -28.69 17.62 -4.76
CA ILE A 179 -28.40 19.01 -4.34
C ILE A 179 -27.14 19.51 -5.05
N ALA A 180 -26.08 18.71 -5.02
CA ALA A 180 -24.82 18.92 -5.74
C ALA A 180 -24.61 17.73 -6.68
N PRO A 181 -25.47 17.56 -7.71
CA PRO A 181 -25.42 16.35 -8.54
C PRO A 181 -23.99 16.10 -9.03
N VAL A 182 -23.57 14.83 -8.96
CA VAL A 182 -22.19 14.47 -9.39
C VAL A 182 -21.97 14.86 -10.86
N LEU A 183 -23.02 14.86 -11.67
CA LEU A 183 -22.80 15.08 -13.11
C LEU A 183 -22.37 16.53 -13.30
N THR A 184 -22.83 17.44 -12.43
CA THR A 184 -22.58 18.89 -12.62
C THR A 184 -21.63 19.48 -11.59
N HIS A 185 -21.22 18.71 -10.57
CA HIS A 185 -20.34 19.23 -9.50
C HIS A 185 -19.17 18.25 -9.39
N ALA A 186 -19.28 17.24 -8.52
CA ALA A 186 -18.13 16.36 -8.19
C ALA A 186 -17.41 15.85 -9.42
N ARG A 187 -18.10 15.36 -10.45
CA ARG A 187 -17.35 14.70 -11.57
C ARG A 187 -16.61 15.75 -12.38
N PRO A 188 -17.27 16.87 -12.80
CA PRO A 188 -16.50 17.87 -13.53
C PRO A 188 -15.34 18.48 -12.74
N PHE A 189 -15.48 18.53 -11.42
CA PHE A 189 -14.42 19.05 -10.54
C PHE A 189 -13.22 18.12 -10.62
N TYR A 190 -13.47 16.85 -10.45
CA TYR A 190 -12.42 15.83 -10.51
C TYR A 190 -11.76 15.81 -11.89
N ASN A 191 -12.58 15.88 -12.93
CA ASN A 191 -12.06 15.78 -14.29
C ASN A 191 -11.16 16.97 -14.56
N SER A 192 -11.50 18.15 -14.02
CA SER A 192 -10.78 19.40 -14.31
C SER A 192 -9.50 19.53 -13.49
N LEU A 193 -9.37 18.79 -12.41
CA LEU A 193 -8.09 18.76 -11.67
C LEU A 193 -7.02 18.27 -12.63
N PRO A 194 -5.78 18.78 -12.54
CA PRO A 194 -4.72 18.35 -13.45
C PRO A 194 -4.61 16.81 -13.41
N THR A 195 -4.31 16.23 -14.55
CA THR A 195 -4.02 14.79 -14.62
C THR A 195 -2.78 14.49 -13.80
N SER A 196 -1.87 15.45 -13.61
CA SER A 196 -0.49 15.27 -13.10
C SER A 196 -0.43 15.37 -11.57
N ILE A 197 -1.53 15.67 -10.88
CA ILE A 197 -1.52 15.69 -9.41
C ILE A 197 -1.99 14.34 -8.92
N SER A 198 -1.75 14.14 -7.62
CA SER A 198 -2.34 13.04 -6.85
C SER A 198 -3.80 13.40 -6.61
N LYS A 199 -4.73 12.61 -7.15
CA LYS A 199 -6.16 12.86 -6.99
C LYS A 199 -6.94 11.59 -7.06
N ALA A 200 -8.12 11.65 -6.51
CA ALA A 200 -9.04 10.53 -6.55
C ALA A 200 -10.45 11.05 -6.50
N TYR A 201 -11.35 10.27 -7.07
CA TYR A 201 -12.77 10.48 -7.05
C TYR A 201 -13.39 9.19 -6.55
N LEU A 202 -14.10 9.31 -5.45
CA LEU A 202 -14.84 8.22 -4.83
C LEU A 202 -16.31 8.60 -4.84
N GLU A 203 -17.12 7.82 -5.54
CA GLU A 203 -18.57 8.07 -5.62
C GLU A 203 -19.19 7.01 -4.76
N LEU A 204 -19.87 7.42 -3.69
CA LEU A 204 -20.58 6.48 -2.80
C LEU A 204 -21.78 5.92 -3.55
N ASP A 205 -22.07 4.65 -3.27
CA ASP A 205 -23.27 3.97 -3.83
C ASP A 205 -24.43 4.16 -2.89
N GLY A 206 -25.60 4.43 -3.45
CA GLY A 206 -26.86 4.53 -2.67
C GLY A 206 -26.83 5.67 -1.69
N ALA A 207 -26.10 6.75 -2.05
CA ALA A 207 -25.77 7.86 -1.11
C ALA A 207 -26.46 9.14 -1.57
N THR A 208 -27.08 9.80 -0.62
CA THR A 208 -27.65 11.16 -0.79
C THR A 208 -26.61 12.23 -0.48
N HIS A 209 -26.99 13.46 -0.71
CA HIS A 209 -26.12 14.63 -0.43
C HIS A 209 -25.63 14.63 1.02
N PHE A 210 -26.39 14.04 1.93
CA PHE A 210 -26.23 14.17 3.40
C PHE A 210 -25.41 12.99 3.89
N ALA A 211 -24.89 12.14 3.03
CA ALA A 211 -24.06 11.01 3.50
C ALA A 211 -22.93 11.54 4.37
N PRO A 212 -22.21 12.63 3.99
CA PRO A 212 -21.09 13.13 4.81
C PRO A 212 -21.50 13.55 6.24
N ASN A 213 -22.81 13.75 6.46
CA ASN A 213 -23.32 14.30 7.75
C ASN A 213 -23.67 13.12 8.64
N ILE A 214 -23.48 11.90 8.17
CA ILE A 214 -23.98 10.70 8.89
C ILE A 214 -22.75 9.83 9.03
N PRO A 215 -22.37 9.43 10.26
CA PRO A 215 -21.19 8.59 10.38
C PRO A 215 -21.25 7.43 9.37
N ASN A 216 -20.13 7.28 8.67
CA ASN A 216 -20.01 6.49 7.42
C ASN A 216 -18.61 5.90 7.37
N LYS A 217 -18.49 4.59 7.45
CA LYS A 217 -17.19 3.87 7.55
C LYS A 217 -16.35 4.21 6.33
N ILE A 218 -16.98 4.33 5.16
CA ILE A 218 -16.24 4.56 3.88
C ILE A 218 -15.65 5.96 3.86
N ILE A 219 -16.48 6.95 4.12
CA ILE A 219 -15.98 8.35 4.17
C ILE A 219 -14.87 8.43 5.23
N GLY A 220 -15.07 7.83 6.38
CA GLY A 220 -14.06 7.90 7.44
C GLY A 220 -12.77 7.24 6.95
N LYS A 221 -12.89 6.04 6.41
CA LYS A 221 -11.70 5.23 6.00
C LYS A 221 -10.88 5.97 4.96
N TYR A 222 -11.53 6.45 3.90
CA TYR A 222 -10.79 7.12 2.79
C TYR A 222 -10.36 8.53 3.15
N SER A 223 -11.10 9.26 3.97
CA SER A 223 -10.66 10.59 4.43
C SER A 223 -9.37 10.37 5.20
N VAL A 224 -9.40 9.44 6.18
CA VAL A 224 -8.19 9.22 7.01
C VAL A 224 -7.03 8.77 6.10
N ALA A 225 -7.28 7.82 5.22
CA ALA A 225 -6.19 7.25 4.39
C ALA A 225 -5.59 8.39 3.60
N TRP A 226 -6.46 9.27 3.07
CA TRP A 226 -6.00 10.35 2.19
C TRP A 226 -5.09 11.31 2.97
N LEU A 227 -5.54 11.73 4.12
CA LEU A 227 -4.76 12.65 4.97
C LEU A 227 -3.50 11.97 5.42
N LYS A 228 -3.57 10.71 5.80
CA LYS A 228 -2.35 9.99 6.20
C LYS A 228 -1.35 9.99 5.03
N ARG A 229 -1.82 9.63 3.83
CA ARG A 229 -0.93 9.55 2.66
C ARG A 229 -0.29 10.91 2.39
N PHE A 230 -1.03 11.99 2.45
CA PHE A 230 -0.59 13.28 1.87
C PHE A 230 -0.14 14.23 2.94
N VAL A 231 -0.87 14.31 4.05
CA VAL A 231 -0.47 15.17 5.18
C VAL A 231 0.75 14.55 5.86
N ASP A 232 0.74 13.23 6.08
CA ASP A 232 1.85 12.55 6.77
C ASP A 232 2.89 11.95 5.79
N ASN A 233 2.69 12.07 4.48
CA ASN A 233 3.51 11.39 3.46
C ASN A 233 3.55 9.88 3.76
N ASP A 234 2.47 9.33 4.32
CA ASP A 234 2.52 8.01 4.98
C ASP A 234 2.17 6.97 3.95
N THR A 235 3.20 6.33 3.32
CA THR A 235 3.00 5.40 2.20
C THR A 235 2.51 4.05 2.71
N ARG A 236 2.43 3.86 4.03
CA ARG A 236 1.70 2.69 4.56
C ARG A 236 0.24 2.73 4.12
N TYR A 237 -0.27 3.91 3.79
CA TYR A 237 -1.70 4.08 3.49
C TYR A 237 -1.96 3.96 1.98
N THR A 238 -0.90 3.96 1.17
CA THR A 238 -1.10 3.89 -0.31
C THR A 238 -2.01 2.71 -0.67
N GLN A 239 -1.77 1.54 -0.09
CA GLN A 239 -2.48 0.33 -0.51
C GLN A 239 -3.98 0.42 -0.20
N PHE A 240 -4.46 1.39 0.60
CA PHE A 240 -5.90 1.53 0.86
C PHE A 240 -6.47 2.42 -0.24
N LEU A 241 -5.63 3.31 -0.76
CA LEU A 241 -6.06 4.31 -1.77
C LEU A 241 -5.93 3.76 -3.19
N CYS A 242 -5.08 2.74 -3.38
CA CYS A 242 -4.63 2.32 -4.71
C CYS A 242 -4.65 0.82 -4.77
N PRO A 243 -5.29 0.21 -5.78
CA PRO A 243 -6.04 0.93 -6.83
C PRO A 243 -7.38 1.46 -6.30
N GLY A 244 -7.68 1.12 -5.06
CA GLY A 244 -8.83 1.66 -4.35
C GLY A 244 -10.00 0.70 -4.38
N PRO A 245 -11.13 1.14 -3.83
CA PRO A 245 -12.35 0.31 -3.82
C PRO A 245 -13.04 0.33 -5.20
N ARG A 246 -12.53 -0.38 -6.20
CA ARG A 246 -13.07 -0.36 -7.59
C ARG A 246 -13.83 -1.67 -7.86
N GLY A 251 -20.30 -2.22 -4.54
CA GLY A 251 -21.22 -2.72 -3.50
C GLY A 251 -21.76 -1.59 -2.64
N GLU A 252 -20.85 -0.72 -2.18
CA GLU A 252 -21.15 0.58 -1.49
C GLU A 252 -20.23 1.70 -2.01
N VAL A 253 -19.28 1.37 -2.89
CA VAL A 253 -18.60 2.39 -3.74
C VAL A 253 -19.12 2.16 -5.15
N GLU A 254 -19.78 3.18 -5.72
CA GLU A 254 -20.27 3.14 -7.11
C GLU A 254 -19.05 3.21 -8.05
N GLU A 255 -18.13 4.12 -7.77
CA GLU A 255 -17.01 4.35 -8.70
C GLU A 255 -15.81 4.85 -7.90
N TYR A 256 -14.60 4.45 -8.31
CA TYR A 256 -13.38 5.03 -7.74
C TYR A 256 -12.35 5.16 -8.86
N ARG A 257 -11.82 6.33 -9.07
CA ARG A 257 -10.83 6.65 -10.09
C ARG A 257 -9.73 7.44 -9.39
N SER A 258 -8.52 7.39 -9.90
CA SER A 258 -7.41 8.09 -9.27
C SER A 258 -6.26 8.20 -10.25
N THR A 259 -5.25 8.93 -9.82
CA THR A 259 -3.93 8.96 -10.46
C THR A 259 -2.91 8.07 -9.72
N CYS A 260 -3.39 6.99 -9.10
CA CYS A 260 -2.59 5.89 -8.55
C CYS A 260 -1.67 5.36 -9.63
N PRO A 261 -0.46 4.90 -9.26
CA PRO A 261 0.03 5.01 -7.91
C PRO A 261 0.55 6.44 -7.97
N PHE A 262 0.52 7.03 -6.83
CA PHE A 262 0.93 8.43 -6.70
C PHE A 262 2.46 8.49 -6.75
N LEU A 263 3.05 9.64 -7.08
CA LEU A 263 4.52 9.78 -6.97
C LEU A 263 4.85 9.93 -5.48
N GLU A 264 6.00 9.39 -5.07
CA GLU A 264 6.55 9.43 -3.69
C GLU A 264 7.85 10.26 -3.63
N ALA B 2 5.42 -25.98 19.35
CA ALA B 2 6.78 -25.97 18.72
C ALA B 2 6.58 -26.08 17.20
N ASN B 3 7.47 -25.49 16.41
CA ASN B 3 7.28 -25.48 14.95
C ASN B 3 8.15 -26.59 14.37
N PRO B 4 7.55 -27.69 13.85
CA PRO B 4 8.33 -28.82 13.30
C PRO B 4 9.13 -28.43 12.05
N TYR B 5 8.76 -27.31 11.40
CA TYR B 5 9.36 -26.93 10.11
C TYR B 5 10.58 -26.04 10.27
N GLU B 6 10.96 -25.70 11.50
CA GLU B 6 12.13 -24.85 11.67
C GLU B 6 13.38 -25.61 11.25
N ARG B 7 14.28 -24.92 10.56
CA ARG B 7 15.56 -25.52 10.15
C ARG B 7 16.62 -24.48 10.41
N GLY B 8 17.74 -24.95 10.89
CA GLY B 8 18.92 -24.09 10.97
C GLY B 8 18.87 -23.31 12.27
N PRO B 9 19.88 -22.48 12.49
CA PRO B 9 20.03 -21.74 13.73
C PRO B 9 19.10 -20.52 13.73
N ASN B 10 18.93 -19.96 14.91
CA ASN B 10 18.23 -18.67 15.05
C ASN B 10 18.92 -17.68 14.12
N PRO B 11 18.18 -17.02 13.22
CA PRO B 11 18.84 -16.23 12.20
C PRO B 11 19.39 -14.94 12.79
N THR B 12 20.41 -14.44 12.15
CA THR B 12 21.02 -13.10 12.30
C THR B 12 21.11 -12.45 10.92
N ASP B 13 21.35 -11.14 10.93
CA ASP B 13 21.62 -10.40 9.66
C ASP B 13 22.78 -11.08 8.90
N ALA B 14 23.84 -11.43 9.61
CA ALA B 14 25.05 -12.04 9.06
C ALA B 14 24.70 -13.39 8.39
N LEU B 15 23.90 -14.22 9.03
CA LEU B 15 23.46 -15.54 8.44
C LEU B 15 22.72 -15.27 7.14
N LEU B 16 21.87 -14.25 7.12
CA LEU B 16 20.99 -13.95 5.96
C LEU B 16 21.78 -13.32 4.83
N GLU B 17 22.85 -12.59 5.12
CA GLU B 17 23.64 -11.79 4.16
C GLU B 17 24.76 -12.63 3.53
N ALA B 18 25.02 -13.84 4.04
CA ALA B 18 26.18 -14.66 3.64
C ALA B 18 25.94 -15.26 2.26
N ARG B 19 27.02 -15.65 1.60
CA ARG B 19 26.94 -16.27 0.25
C ARG B 19 26.10 -17.57 0.32
N SER B 20 26.28 -18.31 1.38
CA SER B 20 25.54 -19.58 1.59
CA SER B 20 25.61 -19.60 1.61
C SER B 20 24.97 -19.63 3.00
N GLY B 21 23.83 -20.28 3.15
CA GLY B 21 23.24 -20.68 4.43
C GLY B 21 23.96 -21.91 4.99
N PRO B 22 23.41 -22.46 6.07
CA PRO B 22 24.05 -23.53 6.84
C PRO B 22 24.08 -24.89 6.14
N PHE B 23 23.27 -25.05 5.09
CA PHE B 23 23.07 -26.38 4.47
C PHE B 23 23.94 -26.52 3.23
N SER B 24 24.89 -27.44 3.21
CA SER B 24 25.52 -27.83 1.92
C SER B 24 24.43 -28.40 0.99
N VAL B 25 24.59 -28.14 -0.30
CA VAL B 25 23.61 -28.40 -1.37
C VAL B 25 24.25 -29.33 -2.41
N SER B 26 23.41 -30.24 -2.90
CA SER B 26 23.69 -31.03 -4.11
C SER B 26 22.71 -30.62 -5.20
N GLU B 27 23.03 -31.01 -6.40
CA GLU B 27 22.27 -30.65 -7.59
C GLU B 27 21.77 -31.91 -8.26
N GLU B 28 20.61 -31.81 -8.89
CA GLU B 28 20.04 -32.88 -9.72
C GLU B 28 19.42 -32.25 -10.93
N ARG B 29 19.78 -32.77 -12.06
CA ARG B 29 19.23 -32.30 -13.35
C ARG B 29 17.79 -32.77 -13.49
N ALA B 30 16.94 -31.83 -13.92
CA ALA B 30 15.62 -32.10 -14.48
C ALA B 30 15.80 -31.93 -15.97
N SER B 31 16.01 -33.01 -16.71
CA SER B 31 16.48 -32.88 -18.12
C SER B 31 15.27 -32.47 -18.92
N ARG B 32 15.51 -31.95 -20.11
CA ARG B 32 14.39 -31.66 -21.04
C ARG B 32 13.61 -32.94 -21.39
N PHE B 33 14.17 -34.15 -21.19
CA PHE B 33 13.48 -35.43 -21.52
C PHE B 33 12.44 -35.79 -20.45
N GLY B 34 12.78 -35.59 -19.17
CA GLY B 34 11.94 -35.97 -18.03
C GLY B 34 10.94 -34.89 -17.71
N ALA B 35 11.28 -33.65 -18.03
CA ALA B 35 10.48 -32.46 -17.67
C ALA B 35 9.24 -32.43 -18.57
N ASP B 36 8.09 -32.73 -18.02
CA ASP B 36 6.81 -32.51 -18.73
C ASP B 36 6.28 -31.14 -18.32
N GLY B 37 6.05 -30.28 -19.31
CA GLY B 37 5.31 -29.01 -19.15
C GLY B 37 6.25 -27.87 -18.84
N PHE B 38 7.57 -28.11 -18.80
CA PHE B 38 8.59 -27.04 -18.74
C PHE B 38 9.87 -27.51 -19.41
N GLY B 39 10.87 -26.64 -19.53
CA GLY B 39 12.09 -26.88 -20.33
C GLY B 39 13.21 -27.56 -19.56
N GLY B 40 12.93 -28.13 -18.40
CA GLY B 40 13.96 -28.72 -17.55
C GLY B 40 14.52 -27.72 -16.54
N GLY B 41 15.57 -28.10 -15.82
CA GLY B 41 16.09 -27.17 -14.81
C GLY B 41 17.09 -27.90 -13.98
N THR B 42 17.48 -27.25 -12.90
CA THR B 42 18.41 -27.76 -11.89
C THR B 42 17.68 -27.72 -10.56
N ILE B 43 17.73 -28.84 -9.86
CA ILE B 43 17.20 -28.96 -8.49
C ILE B 43 18.42 -28.84 -7.58
N TYR B 44 18.38 -27.83 -6.73
CA TYR B 44 19.28 -27.69 -5.59
C TYR B 44 18.58 -28.18 -4.33
N TYR B 45 19.24 -29.06 -3.59
CA TYR B 45 18.59 -29.67 -2.40
C TYR B 45 19.64 -29.77 -1.32
N PRO B 46 19.22 -29.63 -0.05
CA PRO B 46 20.12 -29.82 1.07
C PRO B 46 20.56 -31.27 1.19
N ARG B 47 21.86 -31.48 1.30
CA ARG B 47 22.43 -32.82 1.62
C ARG B 47 21.85 -33.38 2.92
N GLU B 48 21.67 -32.54 3.93
CA GLU B 48 21.17 -32.99 5.27
C GLU B 48 19.83 -33.69 5.06
N ASN B 49 19.67 -34.89 5.59
CA ASN B 49 18.43 -35.66 5.41
C ASN B 49 17.39 -35.09 6.36
N ASN B 50 16.45 -34.36 5.79
CA ASN B 50 15.32 -33.75 6.52
C ASN B 50 14.35 -33.48 5.39
N THR B 51 13.13 -33.08 5.74
CA THR B 51 12.18 -32.57 4.74
C THR B 51 12.26 -31.05 4.79
N TYR B 52 11.93 -30.48 3.67
CA TYR B 52 11.98 -29.02 3.48
C TYR B 52 10.87 -28.64 2.54
N GLY B 53 10.59 -27.35 2.55
CA GLY B 53 9.70 -26.75 1.55
C GLY B 53 10.40 -26.73 0.21
N ALA B 54 9.62 -26.66 -0.86
CA ALA B 54 10.11 -26.72 -2.24
C ALA B 54 9.69 -25.46 -2.99
N VAL B 55 10.66 -24.94 -3.74
CA VAL B 55 10.51 -23.63 -4.43
C VAL B 55 10.82 -23.86 -5.89
N ALA B 56 10.01 -23.31 -6.80
CA ALA B 56 10.29 -23.23 -8.24
C ALA B 56 10.56 -21.77 -8.64
N ILE B 57 11.62 -21.55 -9.42
CA ILE B 57 12.03 -20.20 -9.83
C ILE B 57 12.11 -20.17 -11.34
N SER B 58 11.39 -19.25 -11.93
CA SER B 58 11.38 -18.99 -13.38
C SER B 58 12.23 -17.75 -13.69
N PRO B 59 13.03 -17.81 -14.78
CA PRO B 59 13.63 -16.65 -15.40
C PRO B 59 12.59 -15.87 -16.21
N GLY B 60 13.03 -14.80 -16.82
CA GLY B 60 12.17 -13.97 -17.70
C GLY B 60 12.44 -14.21 -19.18
N TYR B 61 11.87 -13.32 -19.99
CA TYR B 61 11.89 -13.36 -21.46
C TYR B 61 13.35 -13.38 -21.96
N THR B 62 13.66 -14.38 -22.78
CA THR B 62 15.03 -14.64 -23.36
C THR B 62 15.97 -15.21 -22.29
N GLY B 63 15.47 -15.45 -21.07
CA GLY B 63 16.30 -15.84 -19.93
C GLY B 63 16.33 -17.34 -19.84
N THR B 64 17.33 -17.88 -19.17
CA THR B 64 17.47 -19.30 -18.88
C THR B 64 17.73 -19.42 -17.38
N GLN B 65 17.79 -20.65 -16.88
CA GLN B 65 18.00 -20.91 -15.44
C GLN B 65 19.28 -20.21 -14.97
N ALA B 66 20.29 -19.99 -15.83
CA ALA B 66 21.57 -19.35 -15.40
C ALA B 66 21.31 -17.96 -14.78
N SER B 67 20.30 -17.25 -15.25
CA SER B 67 19.98 -15.88 -14.80
C SER B 67 19.40 -15.88 -13.36
N VAL B 68 18.99 -17.02 -12.80
CA VAL B 68 18.45 -17.09 -11.40
C VAL B 68 19.19 -18.16 -10.59
N ALA B 69 20.22 -18.77 -11.14
CA ALA B 69 20.88 -19.93 -10.50
C ALA B 69 21.47 -19.52 -9.15
N TRP B 70 22.15 -18.37 -9.05
CA TRP B 70 22.81 -17.95 -7.78
C TRP B 70 21.74 -17.97 -6.68
N LEU B 71 20.53 -17.50 -7.01
CA LEU B 71 19.46 -17.31 -6.01
C LEU B 71 18.86 -18.67 -5.64
N GLY B 72 18.64 -19.58 -6.60
CA GLY B 72 18.15 -20.92 -6.28
C GLY B 72 19.11 -21.65 -5.37
N GLU B 73 20.40 -21.56 -5.65
CA GLU B 73 21.42 -22.30 -4.86
C GLU B 73 21.53 -21.66 -3.46
N ARG B 74 21.45 -20.33 -3.37
CA ARG B 74 21.56 -19.65 -2.06
C ARG B 74 20.36 -19.99 -1.21
N ILE B 75 19.18 -19.91 -1.77
CA ILE B 75 17.93 -20.31 -1.07
C ILE B 75 18.01 -21.75 -0.62
N ALA B 76 18.46 -22.64 -1.47
CA ALA B 76 18.50 -24.06 -1.10
C ALA B 76 19.44 -24.23 0.11
N SER B 77 20.52 -23.45 0.14
CA SER B 77 21.57 -23.55 1.20
C SER B 77 21.01 -23.09 2.56
N HIS B 78 19.82 -22.49 2.59
CA HIS B 78 19.14 -22.16 3.87
C HIS B 78 18.11 -23.21 4.21
N GLY B 79 17.98 -24.28 3.41
CA GLY B 79 17.09 -25.41 3.80
C GLY B 79 15.82 -25.40 3.03
N PHE B 80 15.96 -25.43 1.69
CA PHE B 80 14.85 -25.52 0.72
C PHE B 80 15.31 -26.41 -0.41
N VAL B 81 14.37 -27.11 -1.00
CA VAL B 81 14.58 -27.80 -2.29
C VAL B 81 14.14 -26.81 -3.35
N VAL B 82 15.01 -26.50 -4.27
CA VAL B 82 14.75 -25.36 -5.20
C VAL B 82 15.04 -25.84 -6.61
N ILE B 83 14.10 -25.61 -7.50
CA ILE B 83 14.33 -25.87 -8.94
C ILE B 83 14.40 -24.55 -9.66
N THR B 84 15.48 -24.33 -10.39
CA THR B 84 15.60 -23.18 -11.31
C THR B 84 15.24 -23.73 -12.69
N ILE B 85 14.26 -23.19 -13.36
CA ILE B 85 13.75 -23.83 -14.60
C ILE B 85 14.25 -23.06 -15.81
N ASP B 86 14.41 -23.82 -16.89
CA ASP B 86 14.28 -23.30 -18.28
C ASP B 86 12.84 -23.48 -18.70
N THR B 87 12.30 -22.50 -19.41
CA THR B 87 10.94 -22.58 -19.95
C THR B 87 10.98 -23.32 -21.30
N ASN B 88 9.83 -23.79 -21.72
CA ASN B 88 9.61 -24.49 -23.01
C ASN B 88 10.35 -23.73 -24.12
N THR B 89 10.13 -22.42 -24.21
CA THR B 89 10.93 -21.51 -25.06
C THR B 89 11.30 -20.27 -24.25
N THR B 90 12.38 -19.60 -24.61
CA THR B 90 12.83 -18.34 -23.95
C THR B 90 11.80 -17.24 -24.20
N LEU B 91 10.88 -17.40 -25.14
CA LEU B 91 9.92 -16.32 -25.47
C LEU B 91 8.59 -16.53 -24.75
N ASP B 92 8.47 -17.51 -23.85
CA ASP B 92 7.14 -17.82 -23.23
C ASP B 92 6.63 -16.58 -22.48
N GLN B 93 5.32 -16.36 -22.54
CA GLN B 93 4.63 -15.23 -21.89
C GLN B 93 4.45 -15.55 -20.41
N PRO B 94 4.17 -14.55 -19.58
CA PRO B 94 4.04 -14.77 -18.14
C PRO B 94 3.02 -15.85 -17.76
N ASP B 95 1.87 -15.92 -18.42
CA ASP B 95 0.83 -16.93 -18.03
C ASP B 95 1.31 -18.34 -18.39
N SER B 96 2.13 -18.46 -19.42
CA SER B 96 2.77 -19.73 -19.77
C SER B 96 3.80 -20.08 -18.69
N ARG B 97 4.57 -19.08 -18.23
CA ARG B 97 5.58 -19.34 -17.18
C ARG B 97 4.87 -19.81 -15.91
N ALA B 98 3.65 -19.37 -15.63
CA ALA B 98 2.86 -19.81 -14.46
C ALA B 98 2.61 -21.32 -14.57
N ARG B 99 2.23 -21.78 -15.76
CA ARG B 99 1.92 -23.22 -15.95
C ARG B 99 3.22 -24.01 -15.77
N GLN B 100 4.34 -23.43 -16.20
CA GLN B 100 5.67 -24.11 -16.17
C GLN B 100 6.20 -24.18 -14.75
N LEU B 101 5.92 -23.14 -13.97
CA LEU B 101 6.28 -23.16 -12.53
C LEU B 101 5.48 -24.27 -11.87
N ASN B 102 4.20 -24.42 -12.23
CA ASN B 102 3.29 -25.43 -11.65
C ASN B 102 3.82 -26.82 -12.02
N ALA B 103 4.23 -26.98 -13.29
CA ALA B 103 4.79 -28.24 -13.80
C ALA B 103 6.08 -28.56 -13.06
N ALA B 104 6.90 -27.55 -12.74
CA ALA B 104 8.18 -27.80 -12.08
C ALA B 104 7.96 -28.24 -10.63
N LEU B 105 7.01 -27.66 -9.93
CA LEU B 105 6.60 -28.12 -8.59
C LEU B 105 6.16 -29.58 -8.66
N ASP B 106 5.32 -29.91 -9.63
CA ASP B 106 4.82 -31.30 -9.82
C ASP B 106 6.01 -32.22 -10.05
N TYR B 107 6.96 -31.78 -10.88
CA TYR B 107 8.16 -32.56 -11.27
C TYR B 107 8.93 -32.88 -10.00
N MET B 108 9.25 -31.86 -9.20
CA MET B 108 10.05 -32.10 -7.97
C MET B 108 9.35 -33.10 -7.07
N ILE B 109 8.03 -33.01 -6.96
CA ILE B 109 7.26 -33.82 -5.96
C ILE B 109 7.18 -35.26 -6.47
N ASN B 110 6.94 -35.43 -7.78
CA ASN B 110 6.47 -36.70 -8.38
C ASN B 110 7.59 -37.41 -9.16
N ASP B 111 8.46 -36.65 -9.85
CA ASP B 111 9.30 -37.18 -10.96
C ASP B 111 10.79 -37.11 -10.65
N ALA B 112 11.25 -36.28 -9.72
CA ALA B 112 12.71 -36.19 -9.44
C ALA B 112 13.12 -37.51 -8.78
N SER B 113 14.38 -37.70 -8.50
CA SER B 113 14.88 -38.91 -7.84
C SER B 113 14.36 -38.97 -6.39
N SER B 114 14.50 -40.13 -5.76
CA SER B 114 14.25 -40.31 -4.31
C SER B 114 15.04 -39.33 -3.41
N ALA B 115 16.28 -38.96 -3.72
CA ALA B 115 17.09 -38.03 -2.87
C ALA B 115 16.30 -36.72 -2.77
N VAL B 116 15.69 -36.32 -3.88
CA VAL B 116 14.95 -35.04 -3.98
C VAL B 116 13.55 -35.24 -3.38
N ARG B 117 12.79 -36.24 -3.83
CA ARG B 117 11.38 -36.43 -3.41
C ARG B 117 11.26 -36.64 -1.89
N SER B 118 12.20 -37.36 -1.30
CA SER B 118 12.23 -37.65 0.14
C SER B 118 12.56 -36.40 0.97
N ARG B 119 13.20 -35.40 0.39
CA ARG B 119 13.55 -34.16 1.09
C ARG B 119 12.45 -33.08 0.93
N ILE B 120 11.38 -33.37 0.18
CA ILE B 120 10.27 -32.39 -0.02
C ILE B 120 9.08 -32.69 0.89
N ASP B 121 8.68 -31.66 1.63
CA ASP B 121 7.34 -31.63 2.23
C ASP B 121 6.43 -31.06 1.16
N SER B 122 5.60 -31.90 0.52
CA SER B 122 4.85 -31.46 -0.67
C SER B 122 3.69 -30.54 -0.27
N SER B 123 3.39 -30.36 1.01
CA SER B 123 2.35 -29.41 1.45
C SER B 123 2.95 -27.99 1.62
N ARG B 124 4.22 -27.78 1.34
CA ARG B 124 4.88 -26.47 1.63
C ARG B 124 5.69 -26.04 0.42
N LEU B 125 4.99 -25.36 -0.50
CA LEU B 125 5.57 -25.00 -1.80
C LEU B 125 5.55 -23.47 -1.98
N ALA B 126 6.47 -23.00 -2.79
CA ALA B 126 6.53 -21.58 -3.17
C ALA B 126 7.02 -21.45 -4.57
N VAL B 127 6.72 -20.29 -5.13
CA VAL B 127 7.21 -19.93 -6.48
C VAL B 127 7.83 -18.56 -6.43
N MET B 128 8.81 -18.35 -7.29
CA MET B 128 9.53 -17.07 -7.47
C MET B 128 9.82 -16.92 -8.96
N GLY B 129 10.10 -15.73 -9.38
CA GLY B 129 10.45 -15.55 -10.80
C GLY B 129 10.99 -14.18 -11.05
N HIS B 130 11.83 -14.07 -12.07
CA HIS B 130 12.36 -12.80 -12.54
C HIS B 130 11.51 -12.31 -13.73
N SER B 131 11.06 -11.06 -13.65
CA SER B 131 10.55 -10.31 -14.81
C SER B 131 9.29 -11.03 -15.33
N MET B 132 9.21 -11.52 -16.57
CA MET B 132 7.99 -12.28 -16.98
C MET B 132 7.81 -13.47 -16.03
N GLY B 133 8.88 -14.04 -15.51
CA GLY B 133 8.80 -15.14 -14.53
C GLY B 133 8.18 -14.69 -13.21
N GLY B 134 8.35 -13.42 -12.90
CA GLY B 134 7.66 -12.78 -11.76
C GLY B 134 6.19 -12.56 -12.05
N GLY B 135 5.87 -12.23 -13.31
CA GLY B 135 4.48 -12.23 -13.77
C GLY B 135 3.86 -13.60 -13.60
N GLY B 136 4.59 -14.63 -14.02
CA GLY B 136 4.13 -16.02 -13.92
C GLY B 136 3.93 -16.39 -12.47
N THR B 137 4.80 -15.89 -11.62
CA THR B 137 4.69 -16.10 -10.15
C THR B 137 3.36 -15.56 -9.65
N LEU B 138 2.98 -14.35 -10.09
CA LEU B 138 1.75 -13.72 -9.63
C LEU B 138 0.60 -14.55 -10.18
N ARG B 139 0.67 -14.93 -11.45
CA ARG B 139 -0.45 -15.67 -12.05
C ARG B 139 -0.62 -16.99 -11.28
N LEU B 140 0.45 -17.75 -11.08
CA LEU B 140 0.27 -19.04 -10.40
C LEU B 140 -0.26 -18.80 -8.97
N ALA B 141 0.24 -17.79 -8.26
CA ALA B 141 -0.23 -17.49 -6.89
C ALA B 141 -1.71 -17.17 -6.95
N SER B 142 -2.19 -16.52 -8.01
CA SER B 142 -3.62 -16.20 -8.11
C SER B 142 -4.43 -17.47 -8.32
N GLN B 143 -3.82 -18.46 -8.92
CA GLN B 143 -4.52 -19.73 -9.26
C GLN B 143 -4.41 -20.74 -8.12
N ARG B 144 -3.40 -20.63 -7.25
CA ARG B 144 -3.06 -21.65 -6.24
C ARG B 144 -2.95 -21.06 -4.85
N PRO B 145 -4.09 -20.85 -4.16
CA PRO B 145 -4.08 -20.30 -2.79
C PRO B 145 -3.41 -21.24 -1.80
N ASP B 146 -3.13 -22.49 -2.21
CA ASP B 146 -2.47 -23.51 -1.33
C ASP B 146 -0.95 -23.28 -1.32
N LEU B 147 -0.40 -22.50 -2.24
CA LEU B 147 1.03 -22.10 -2.20
C LEU B 147 1.32 -21.32 -0.91
N LYS B 148 2.46 -21.60 -0.29
CA LYS B 148 2.82 -20.96 0.97
C LYS B 148 3.40 -19.57 0.77
N ALA B 149 4.05 -19.28 -0.36
CA ALA B 149 4.75 -17.98 -0.58
C ALA B 149 4.98 -17.79 -2.07
N ALA B 150 4.98 -16.54 -2.48
CA ALA B 150 5.29 -16.14 -3.86
C ALA B 150 6.23 -14.96 -3.79
N ILE B 151 7.32 -14.99 -4.56
CA ILE B 151 8.26 -13.85 -4.63
C ILE B 151 8.49 -13.44 -6.07
N PRO B 152 7.68 -12.51 -6.58
CA PRO B 152 7.99 -11.93 -7.88
C PRO B 152 9.17 -10.92 -7.77
N LEU B 153 10.19 -11.11 -8.61
CA LEU B 153 11.41 -10.30 -8.67
C LEU B 153 11.39 -9.42 -9.91
N THR B 154 11.47 -8.10 -9.71
CA THR B 154 11.24 -7.06 -10.75
C THR B 154 10.20 -7.58 -11.75
N PRO B 155 8.96 -7.88 -11.29
CA PRO B 155 8.00 -8.58 -12.14
C PRO B 155 7.49 -7.70 -13.29
N TRP B 156 7.19 -8.38 -14.37
CA TRP B 156 6.53 -7.83 -15.58
C TRP B 156 5.26 -8.60 -15.83
N HIS B 157 4.14 -7.89 -16.00
CA HIS B 157 2.88 -8.52 -16.43
C HIS B 157 2.02 -7.37 -16.90
N LEU B 158 1.26 -7.65 -17.97
CA LEU B 158 0.35 -6.61 -18.47
C LEU B 158 -0.94 -6.61 -17.63
N ASN B 159 -1.25 -7.70 -16.95
CA ASN B 159 -2.36 -7.72 -15.95
C ASN B 159 -1.87 -6.99 -14.70
N LYS B 160 -2.60 -5.95 -14.27
CA LYS B 160 -2.17 -5.09 -13.16
C LYS B 160 -2.96 -5.39 -11.92
N ASN B 161 -3.99 -6.22 -12.03
CA ASN B 161 -4.92 -6.49 -10.92
C ASN B 161 -4.65 -7.87 -10.34
N TRP B 162 -4.04 -7.91 -9.18
CA TRP B 162 -3.66 -9.19 -8.49
C TRP B 162 -4.48 -9.31 -7.22
N SER B 163 -5.68 -8.73 -7.22
CA SER B 163 -6.59 -8.79 -6.06
C SER B 163 -7.02 -10.24 -5.72
N SER B 164 -6.85 -11.22 -6.59
CA SER B 164 -7.21 -12.64 -6.29
C SER B 164 -6.07 -13.35 -5.56
N VAL B 165 -4.91 -12.73 -5.40
CA VAL B 165 -3.78 -13.46 -4.78
C VAL B 165 -4.02 -13.53 -3.27
N ARG B 166 -3.95 -14.73 -2.69
CA ARG B 166 -4.13 -14.94 -1.25
C ARG B 166 -2.86 -15.59 -0.67
N VAL B 167 -1.83 -15.74 -1.49
CA VAL B 167 -0.55 -16.34 -1.06
C VAL B 167 0.28 -15.20 -0.50
N PRO B 168 1.01 -15.41 0.62
CA PRO B 168 1.96 -14.42 1.11
C PRO B 168 3.00 -14.03 0.08
N THR B 169 2.95 -12.79 -0.33
CA THR B 169 3.68 -12.33 -1.52
C THR B 169 4.66 -11.22 -1.14
N LEU B 170 5.94 -11.40 -1.45
CA LEU B 170 6.95 -10.35 -1.41
C LEU B 170 7.28 -9.99 -2.84
N ILE B 171 6.98 -8.76 -3.20
CA ILE B 171 7.40 -8.21 -4.50
C ILE B 171 8.69 -7.44 -4.27
N ILE B 172 9.69 -7.75 -5.09
CA ILE B 172 10.93 -6.94 -5.09
C ILE B 172 10.91 -6.14 -6.38
N GLY B 173 10.93 -4.82 -6.24
CA GLY B 173 11.09 -3.90 -7.36
C GLY B 173 12.49 -3.30 -7.43
N ALA B 174 12.79 -2.69 -8.55
CA ALA B 174 14.09 -2.04 -8.83
C ALA B 174 13.78 -0.59 -9.18
N ASP B 175 14.19 0.33 -8.34
CA ASP B 175 13.82 1.77 -8.51
C ASP B 175 14.05 2.25 -9.94
N LEU B 176 15.17 1.89 -10.58
CA LEU B 176 15.54 2.44 -11.91
C LEU B 176 15.21 1.45 -13.02
N ASP B 177 14.31 0.51 -12.76
CA ASP B 177 13.86 -0.44 -13.79
C ASP B 177 13.20 0.29 -14.96
N THR B 178 13.74 0.12 -16.18
CA THR B 178 13.20 0.74 -17.41
C THR B 178 12.41 -0.30 -18.19
N ILE B 179 12.45 -1.57 -17.78
CA ILE B 179 11.84 -2.68 -18.56
C ILE B 179 10.47 -3.03 -17.98
N ALA B 180 10.42 -3.16 -16.65
CA ALA B 180 9.21 -3.38 -15.86
C ALA B 180 9.16 -2.22 -14.85
N PRO B 181 8.94 -0.98 -15.30
CA PRO B 181 8.97 0.15 -14.38
C PRO B 181 8.08 -0.09 -13.18
N VAL B 182 8.59 0.24 -12.00
CA VAL B 182 7.85 0.00 -10.74
C VAL B 182 6.54 0.78 -10.77
N LEU B 183 6.49 1.87 -11.48
CA LEU B 183 5.27 2.70 -11.46
C LEU B 183 4.17 1.95 -12.18
N THR B 184 4.50 1.12 -13.19
CA THR B 184 3.48 0.43 -14.02
C THR B 184 3.46 -1.07 -13.78
N HIS B 185 4.39 -1.61 -12.98
CA HIS B 185 4.41 -3.07 -12.73
C HIS B 185 4.46 -3.28 -11.22
N ALA B 186 5.65 -3.32 -10.62
CA ALA B 186 5.80 -3.77 -9.21
C ALA B 186 4.83 -3.05 -8.26
N ARG B 187 4.71 -1.73 -8.36
CA ARG B 187 3.93 -0.99 -7.32
C ARG B 187 2.47 -1.26 -7.51
N PRO B 188 1.92 -1.17 -8.75
CA PRO B 188 0.49 -1.48 -8.92
C PRO B 188 0.15 -2.93 -8.54
N PHE B 189 1.09 -3.83 -8.77
CA PHE B 189 0.90 -5.25 -8.38
C PHE B 189 0.74 -5.36 -6.87
N TYR B 190 1.63 -4.73 -6.16
CA TYR B 190 1.62 -4.76 -4.68
C TYR B 190 0.35 -4.10 -4.16
N ASN B 191 0.00 -2.98 -4.76
CA ASN B 191 -1.15 -2.22 -4.23
C ASN B 191 -2.43 -3.03 -4.44
N SER B 192 -2.50 -3.77 -5.54
CA SER B 192 -3.71 -4.54 -5.91
C SER B 192 -3.82 -5.85 -5.14
N LEU B 193 -2.74 -6.37 -4.58
CA LEU B 193 -2.88 -7.51 -3.66
C LEU B 193 -3.82 -7.13 -2.53
N PRO B 194 -4.63 -8.05 -2.00
CA PRO B 194 -5.54 -7.73 -0.90
C PRO B 194 -4.75 -7.05 0.24
N THR B 195 -5.41 -6.11 0.89
CA THR B 195 -4.81 -5.43 2.04
C THR B 195 -4.63 -6.45 3.16
N SER B 196 -5.45 -7.52 3.18
CA SER B 196 -5.60 -8.43 4.36
C SER B 196 -4.67 -9.65 4.24
N ILE B 197 -3.88 -9.77 3.18
CA ILE B 197 -2.90 -10.87 3.12
C ILE B 197 -1.56 -10.40 3.67
N SER B 198 -0.76 -11.38 4.02
CA SER B 198 0.67 -11.13 4.30
C SER B 198 1.37 -10.74 3.00
N LYS B 199 1.88 -9.54 2.92
CA LYS B 199 2.59 -9.07 1.72
C LYS B 199 3.63 -8.04 2.10
N ALA B 200 4.54 -7.84 1.18
CA ALA B 200 5.54 -6.79 1.31
C ALA B 200 5.98 -6.36 -0.06
N TYR B 201 6.47 -5.11 -0.11
CA TYR B 201 7.05 -4.52 -1.30
C TYR B 201 8.40 -3.99 -0.86
N LEU B 202 9.43 -4.51 -1.51
CA LEU B 202 10.81 -4.03 -1.29
C LEU B 202 11.34 -3.47 -2.60
N GLU B 203 11.63 -2.18 -2.60
CA GLU B 203 12.19 -1.53 -3.80
C GLU B 203 13.67 -1.36 -3.56
N LEU B 204 14.48 -1.99 -4.39
CA LEU B 204 15.95 -1.83 -4.33
C LEU B 204 16.33 -0.42 -4.76
N ASP B 205 17.34 0.13 -4.11
CA ASP B 205 17.94 1.44 -4.45
C ASP B 205 19.09 1.25 -5.47
N GLY B 206 19.11 2.07 -6.51
CA GLY B 206 20.16 2.08 -7.54
C GLY B 206 20.20 0.78 -8.32
N ALA B 207 19.02 0.22 -8.59
CA ALA B 207 18.83 -1.13 -9.16
C ALA B 207 18.15 -1.03 -10.52
N THR B 208 18.64 -1.78 -11.50
CA THR B 208 18.01 -1.97 -12.82
C THR B 208 17.14 -3.23 -12.76
N HIS B 209 16.50 -3.49 -13.89
CA HIS B 209 15.72 -4.71 -14.11
C HIS B 209 16.55 -5.97 -13.84
N PHE B 210 17.85 -5.89 -14.03
CA PHE B 210 18.77 -7.06 -14.03
C PHE B 210 19.39 -7.26 -12.65
N ALA B 211 19.00 -6.47 -11.65
CA ALA B 211 19.51 -6.66 -10.29
C ALA B 211 19.39 -8.11 -9.84
N PRO B 212 18.22 -8.78 -10.03
CA PRO B 212 18.05 -10.14 -9.54
C PRO B 212 18.98 -11.17 -10.19
N ASN B 213 19.63 -10.79 -11.30
CA ASN B 213 20.40 -11.76 -12.13
C ASN B 213 21.84 -11.84 -11.63
N ILE B 214 22.20 -11.04 -10.63
CA ILE B 214 23.55 -11.14 -10.04
C ILE B 214 23.40 -11.27 -8.54
N PRO B 215 24.34 -11.96 -7.88
CA PRO B 215 24.25 -12.08 -6.46
C PRO B 215 24.07 -10.70 -5.82
N ASN B 216 23.09 -10.66 -4.95
CA ASN B 216 22.56 -9.42 -4.34
C ASN B 216 22.17 -9.77 -2.91
N LYS B 217 22.92 -9.26 -1.94
CA LYS B 217 22.76 -9.52 -0.50
C LYS B 217 21.32 -9.28 -0.07
N ILE B 218 20.69 -8.21 -0.56
CA ILE B 218 19.32 -7.82 -0.13
C ILE B 218 18.28 -8.80 -0.69
N ILE B 219 18.32 -9.04 -1.98
CA ILE B 219 17.40 -10.02 -2.58
C ILE B 219 17.57 -11.35 -1.85
N GLY B 220 18.80 -11.77 -1.63
CA GLY B 220 19.03 -13.06 -0.94
C GLY B 220 18.44 -13.06 0.46
N LYS B 221 18.71 -12.00 1.20
CA LYS B 221 18.30 -11.91 2.63
C LYS B 221 16.80 -11.94 2.73
N TYR B 222 16.10 -11.10 1.95
CA TYR B 222 14.64 -10.96 2.08
C TYR B 222 13.91 -12.12 1.43
N SER B 223 14.46 -12.70 0.37
CA SER B 223 13.84 -13.89 -0.25
C SER B 223 13.88 -15.01 0.78
N VAL B 224 15.06 -15.25 1.38
CA VAL B 224 15.19 -16.33 2.37
C VAL B 224 14.25 -16.06 3.55
N ALA B 225 14.24 -14.83 4.08
CA ALA B 225 13.46 -14.51 5.27
C ALA B 225 11.99 -14.77 4.95
N TRP B 226 11.58 -14.41 3.73
CA TRP B 226 10.18 -14.49 3.32
C TRP B 226 9.78 -15.98 3.26
N LEU B 227 10.60 -16.79 2.64
CA LEU B 227 10.30 -18.24 2.50
C LEU B 227 10.35 -18.89 3.86
N LYS B 228 11.32 -18.53 4.69
CA LYS B 228 11.40 -19.07 6.06
C LYS B 228 10.09 -18.75 6.78
N ARG B 229 9.67 -17.48 6.72
CA ARG B 229 8.48 -17.04 7.46
C ARG B 229 7.26 -17.79 6.97
N PHE B 230 7.06 -17.98 5.68
CA PHE B 230 5.73 -18.42 5.17
C PHE B 230 5.79 -19.88 4.74
N VAL B 231 6.89 -20.33 4.14
CA VAL B 231 7.02 -21.76 3.76
C VAL B 231 7.24 -22.59 5.01
N ASP B 232 8.07 -22.13 5.94
CA ASP B 232 8.36 -22.85 7.21
C ASP B 232 7.49 -22.36 8.37
N ASN B 233 6.62 -21.37 8.16
CA ASN B 233 5.89 -20.73 9.30
C ASN B 233 6.89 -20.26 10.36
N ASP B 234 8.10 -19.85 9.95
CA ASP B 234 9.21 -19.69 10.92
C ASP B 234 9.22 -18.25 11.39
N THR B 235 8.59 -17.97 12.55
CA THR B 235 8.44 -16.61 13.12
C THR B 235 9.76 -16.16 13.73
N ARG B 236 10.78 -16.98 13.78
CA ARG B 236 12.15 -16.46 14.09
C ARG B 236 12.55 -15.43 13.03
N TYR B 237 11.96 -15.53 11.84
CA TYR B 237 12.35 -14.66 10.71
C TYR B 237 11.51 -13.37 10.66
N THR B 238 10.42 -13.32 11.44
CA THR B 238 9.52 -12.14 11.38
C THR B 238 10.32 -10.85 11.61
N GLN B 239 11.19 -10.85 12.59
CA GLN B 239 11.89 -9.61 13.01
C GLN B 239 12.79 -9.05 11.88
N PHE B 240 13.12 -9.81 10.84
CA PHE B 240 13.92 -9.33 9.68
C PHE B 240 12.98 -8.71 8.66
N LEU B 241 11.73 -9.20 8.67
CA LEU B 241 10.70 -8.75 7.69
C LEU B 241 9.98 -7.51 8.18
N CYS B 242 9.95 -7.30 9.52
CA CYS B 242 8.99 -6.40 10.15
C CYS B 242 9.74 -5.64 11.20
N PRO B 243 9.62 -4.29 11.26
CA PRO B 243 8.94 -3.49 10.24
C PRO B 243 9.70 -3.47 8.91
N GLY B 244 10.90 -4.03 8.90
CA GLY B 244 11.68 -4.23 7.67
C GLY B 244 12.70 -3.10 7.49
N PRO B 245 13.41 -3.13 6.36
CA PRO B 245 14.44 -2.13 6.06
C PRO B 245 13.83 -0.81 5.58
N ARG B 246 13.24 -0.01 6.47
CA ARG B 246 12.51 1.24 6.08
C ARG B 246 13.37 2.49 6.35
N GLY B 251 20.25 2.07 3.24
CA GLY B 251 20.31 3.02 2.11
C GLY B 251 19.99 2.38 0.78
N GLU B 252 20.39 1.10 0.60
CA GLU B 252 20.21 0.30 -0.64
C GLU B 252 18.81 -0.34 -0.71
N VAL B 253 17.94 -0.03 0.27
CA VAL B 253 16.47 -0.19 0.09
C VAL B 253 15.87 1.20 -0.08
N GLU B 254 15.27 1.45 -1.24
CA GLU B 254 14.60 2.74 -1.56
C GLU B 254 13.29 2.79 -0.78
N GLU B 255 12.56 1.69 -0.72
CA GLU B 255 11.28 1.67 0.00
C GLU B 255 10.96 0.27 0.50
N TYR B 256 10.30 0.18 1.65
CA TYR B 256 9.75 -1.11 2.09
C TYR B 256 8.41 -0.87 2.77
N ARG B 257 7.39 -1.56 2.30
CA ARG B 257 6.05 -1.48 2.87
C ARG B 257 5.60 -2.91 3.10
N SER B 258 4.67 -3.14 4.00
CA SER B 258 4.20 -4.50 4.28
C SER B 258 2.90 -4.43 5.04
N THR B 259 2.33 -5.59 5.29
CA THR B 259 1.21 -5.82 6.21
C THR B 259 1.71 -6.47 7.49
N CYS B 260 2.92 -6.15 7.87
CA CYS B 260 3.50 -6.42 9.20
C CYS B 260 2.56 -5.91 10.26
N PRO B 261 2.48 -6.58 11.41
CA PRO B 261 3.17 -7.83 11.63
C PRO B 261 2.06 -8.73 11.06
N PHE B 262 2.49 -9.82 10.57
CA PHE B 262 1.60 -10.75 9.86
C PHE B 262 0.75 -11.50 10.88
N LEU B 263 -0.37 -12.06 10.47
CA LEU B 263 -1.13 -12.95 11.40
C LEU B 263 -0.35 -14.25 11.55
N GLU B 264 -0.38 -14.77 12.78
CA GLU B 264 0.32 -15.97 13.29
C GLU B 264 -0.74 -16.87 13.94
C1 GOL C . -5.76 3.21 -10.22
O1 GOL C . -5.34 2.11 -11.00
C2 GOL C . -7.26 3.30 -10.28
O2 GOL C . -7.69 3.98 -9.09
C3 GOL C . -7.72 3.84 -11.62
O3 GOL C . -8.17 5.20 -11.69
H11 GOL C . -5.35 4.04 -10.57
H12 GOL C . -5.47 3.09 -9.28
HO1 GOL C . -4.49 2.06 -10.97
H2 GOL C . -7.60 2.37 -10.22
HO2 GOL C . -8.17 4.63 -9.34
H31 GOL C . -8.46 3.27 -11.94
H32 GOL C . -6.98 3.74 -12.26
HO3 GOL C . -7.96 5.51 -12.46
O2 PG4 D . -28.68 21.48 1.93
C3 PG4 D . -28.47 22.88 1.80
C4 PG4 D . -29.22 23.42 0.63
O3 PG4 D . -28.39 24.33 -0.10
C5 PG4 D . -27.47 23.69 -0.98
C6 PG4 D . -27.02 24.65 -2.02
O4 PG4 D . -27.56 25.91 -1.70
C7 PG4 D . -28.33 26.49 -2.75
C8 PG4 D . -28.66 27.89 -2.41
O5 PG4 D . -28.06 28.81 -3.28
H31 PG4 D . -27.52 23.07 1.70
H32 PG4 D . -28.79 23.34 2.62
H41 PG4 D . -30.02 23.88 0.93
H42 PG4 D . -29.49 22.67 0.04
H51 PG4 D . -27.90 22.92 -1.41
H52 PG4 D . -26.70 23.36 -0.48
H61 PG4 D . -27.32 24.36 -2.91
H62 PG4 D . -26.03 24.69 -2.03
H71 PG4 D . -29.15 25.96 -2.87
H72 PG4 D . -27.82 26.46 -3.59
H81 PG4 D . -28.38 28.08 -1.49
H82 PG4 D . -29.64 28.01 -2.45
HO5 PG4 D . -28.39 28.72 -4.06
C1 GOL E . 5.28 -2.20 8.89
O1 GOL E . 4.90 -1.32 9.90
C2 GOL E . 6.04 -1.47 7.80
O2 GOL E . 6.66 -2.50 7.04
C3 GOL E . 5.20 -0.49 7.00
O3 GOL E . 4.21 -1.02 6.12
H11 GOL E . 4.48 -2.62 8.50
H12 GOL E . 5.86 -2.91 9.26
HO1 GOL E . 4.48 -1.77 10.50
H2 GOL E . 6.76 -0.96 8.25
HO2 GOL E . 6.44 -2.39 6.23
H31 GOL E . 5.82 0.07 6.47
H32 GOL E . 4.75 0.11 7.65
HO3 GOL E . 3.65 -1.46 6.58
C1 PEG F . 14.40 -9.00 -21.30
O1 PEG F . 14.19 -9.00 -19.88
C2 PEG F . 13.57 -7.97 -21.99
O2 PEG F . 12.26 -8.46 -22.21
C3 PEG F . 11.26 -7.82 -21.43
C4 PEG F . 10.53 -6.88 -22.31
O4 PEG F . 9.76 -7.55 -23.27
H11 PEG F . 14.16 -9.88 -21.65
H12 PEG F . 15.34 -8.83 -21.48
HO1 PEG F . 14.68 -9.59 -19.58
H21 PEG F . 13.99 -7.74 -22.85
H22 PEG F . 13.54 -7.14 -21.44
H31 PEG F . 11.66 -7.34 -20.69
H32 PEG F . 10.63 -8.50 -21.08
H41 PEG F . 11.18 -6.30 -22.76
H42 PEG F . 9.94 -6.31 -21.76
HO4 PEG F . 10.25 -8.15 -23.64
#